data_4YM1
#
_entry.id   4YM1
#
_cell.length_a   45.292
_cell.length_b   129.962
_cell.length_c   45.207
_cell.angle_alpha   90.000
_cell.angle_beta   96.960
_cell.angle_gamma   90.000
#
_symmetry.space_group_name_H-M   'P 1 21 1'
#
loop_
_entity.id
_entity.type
_entity.pdbx_description
1 polymer Galectin-4
2 branched alpha-L-fucopyranose-(1-2)-beta-D-galactopyranose-(1-4)-beta-D-glucopyranose
3 non-polymer 'SULFATE ION'
4 water water
#
_entity_poly.entity_id   1
_entity_poly.type   'polypeptide(L)'
_entity_poly.pdbx_seq_one_letter_code
;HCHQQLNSLPTMEGPPTFNPPVPYFGRLQGGLTARRTIIIKGYVPPTGKSFAINFKVGSSGDIALHINPRMGNGTVVRNS
LLNGSWGSEEKKITHNPFGPGQFFDLSIRCGLDRFKVYANGQHLFDFAHRLSAFQRVDTLEIQGDVTLSYVQI
;
_entity_poly.pdbx_strand_id   A,B,C,D
#
loop_
_chem_comp.id
_chem_comp.type
_chem_comp.name
_chem_comp.formula
BGC D-saccharide, beta linking beta-D-glucopyranose 'C6 H12 O6'
FUC L-saccharide, alpha linking alpha-L-fucopyranose 'C6 H12 O5'
GAL D-saccharide, beta linking beta-D-galactopyranose 'C6 H12 O6'
SO4 non-polymer 'SULFATE ION' 'O4 S -2'
#
# COMPACT_ATOMS: atom_id res chain seq x y z
N PRO A 16 7.29 17.11 28.15
CA PRO A 16 6.05 16.47 28.56
C PRO A 16 5.37 15.70 27.42
N THR A 17 4.44 14.81 27.78
CA THR A 17 3.65 14.06 26.79
C THR A 17 2.46 14.88 26.28
N PHE A 18 1.81 15.63 27.18
CA PHE A 18 0.66 16.47 26.84
C PHE A 18 1.01 17.95 26.74
N ASN A 19 0.39 18.62 25.76
CA ASN A 19 0.71 20.00 25.37
C ASN A 19 2.19 20.35 25.47
N PRO A 20 3.07 19.53 24.86
CA PRO A 20 4.49 19.88 24.90
C PRO A 20 4.77 21.11 24.04
N PRO A 21 5.46 22.12 24.60
CA PRO A 21 5.71 23.33 23.83
C PRO A 21 6.85 23.14 22.82
N VAL A 22 6.83 23.95 21.76
CA VAL A 22 7.80 23.88 20.67
C VAL A 22 8.86 24.96 20.93
N PRO A 23 10.17 24.69 20.77
CA PRO A 23 10.71 23.42 20.25
C PRO A 23 10.66 22.24 21.23
N TYR A 24 10.31 21.07 20.69
CA TYR A 24 10.24 19.83 21.44
C TYR A 24 11.55 19.06 21.26
N PHE A 25 12.16 18.61 22.36
CA PHE A 25 13.28 17.65 22.33
C PHE A 25 13.02 16.48 23.27
N GLY A 26 12.82 15.29 22.70
CA GLY A 26 12.52 14.07 23.46
C GLY A 26 13.46 12.93 23.15
N ARG A 27 14.16 12.43 24.17
CA ARG A 27 15.14 11.35 24.02
C ARG A 27 14.42 10.02 23.78
N LEU A 28 14.93 9.25 22.81
CA LEU A 28 14.41 7.91 22.53
C LEU A 28 15.21 6.91 23.38
N GLN A 29 14.61 6.53 24.51
CA GLN A 29 15.18 5.62 25.53
C GLN A 29 16.32 4.71 25.04
N GLY A 30 15.97 3.61 24.36
CA GLY A 30 16.97 2.65 23.86
C GLY A 30 17.26 2.79 22.38
N GLY A 31 17.22 4.02 21.86
CA GLY A 31 17.33 4.26 20.43
C GLY A 31 16.07 3.83 19.69
N LEU A 32 16.03 4.12 18.39
CA LEU A 32 14.86 3.83 17.59
C LEU A 32 14.83 2.34 17.28
N THR A 33 14.03 1.61 18.04
CA THR A 33 13.81 0.20 17.80
C THR A 33 13.03 0.04 16.49
N ALA A 34 13.30 -1.04 15.77
CA ALA A 34 12.41 -1.46 14.69
C ALA A 34 11.07 -1.79 15.34
N ARG A 35 9.97 -1.39 14.70
CA ARG A 35 8.60 -1.52 15.24
C ARG A 35 8.24 -0.49 16.34
N ARG A 36 9.13 0.47 16.62
CA ARG A 36 8.83 1.53 17.56
C ARG A 36 7.99 2.56 16.82
N THR A 37 6.80 2.86 17.33
CA THR A 37 5.93 3.90 16.76
C THR A 37 5.91 5.17 17.61
N ILE A 38 5.86 6.32 16.93
CA ILE A 38 5.78 7.64 17.54
C ILE A 38 4.47 8.29 17.05
N ILE A 39 3.70 8.78 18.02
CA ILE A 39 2.44 9.47 17.76
C ILE A 39 2.64 10.95 18.01
N ILE A 40 2.22 11.77 17.06
CA ILE A 40 2.32 13.23 17.15
C ILE A 40 0.97 13.80 16.77
N LYS A 41 0.25 14.34 17.75
CA LYS A 41 -1.00 15.07 17.49
C LYS A 41 -0.73 16.56 17.64
N GLY A 42 -1.15 17.36 16.65
CA GLY A 42 -0.99 18.81 16.71
C GLY A 42 -1.98 19.62 15.90
N TYR A 43 -1.66 20.90 15.76
CA TYR A 43 -2.50 21.89 15.10
C TYR A 43 -1.62 22.81 14.29
N VAL A 44 -2.04 23.05 13.04
CA VAL A 44 -1.34 23.93 12.13
C VAL A 44 -1.97 25.30 12.32
N PRO A 45 -1.23 26.27 12.90
CA PRO A 45 -1.75 27.65 13.03
C PRO A 45 -2.12 28.27 11.67
N PRO A 46 -3.22 29.06 11.59
CA PRO A 46 -3.57 29.63 10.29
C PRO A 46 -2.52 30.56 9.67
N THR A 47 -1.62 31.13 10.46
CA THR A 47 -0.58 32.02 9.95
C THR A 47 0.81 31.43 10.14
N GLY A 48 0.91 30.09 10.06
CA GLY A 48 2.19 29.39 10.09
C GLY A 48 2.70 29.20 8.67
N LYS A 49 4.03 29.15 8.54
CA LYS A 49 4.69 28.93 7.25
C LYS A 49 5.17 27.49 7.12
N SER A 50 5.86 27.00 8.14
CA SER A 50 6.40 25.63 8.07
C SER A 50 6.78 25.09 9.45
N PHE A 51 6.77 23.75 9.58
CA PHE A 51 7.28 23.07 10.77
C PHE A 51 8.03 21.80 10.36
N ALA A 52 8.95 21.37 11.21
CA ALA A 52 9.80 20.22 10.94
C ALA A 52 9.67 19.19 12.05
N ILE A 53 9.48 17.94 11.66
CA ILE A 53 9.67 16.79 12.55
C ILE A 53 10.97 16.12 12.11
N ASN A 54 11.96 16.14 13.01
CA ASN A 54 13.29 15.57 12.77
C ASN A 54 13.60 14.40 13.71
N PHE A 55 13.90 13.24 13.14
CA PHE A 55 14.44 12.09 13.85
C PHE A 55 15.97 12.15 13.71
N LYS A 56 16.67 12.44 14.82
CA LYS A 56 18.08 12.79 14.78
C LYS A 56 19.01 11.81 15.47
N VAL A 57 20.27 11.79 15.03
CA VAL A 57 21.36 11.14 15.75
C VAL A 57 21.89 12.20 16.72
N GLY A 58 21.30 12.24 17.91
CA GLY A 58 21.67 13.22 18.93
C GLY A 58 21.29 14.64 18.56
N SER A 59 21.84 15.58 19.33
CA SER A 59 21.66 17.01 19.09
C SER A 59 22.67 17.50 18.05
N SER A 60 22.18 18.20 17.02
CA SER A 60 23.00 18.74 15.93
C SER A 60 23.84 17.69 15.17
N GLY A 61 23.30 16.48 15.05
CA GLY A 61 23.89 15.43 14.24
C GLY A 61 22.99 15.16 13.05
N ASP A 62 23.16 13.97 12.47
CA ASP A 62 22.45 13.59 11.25
C ASP A 62 20.94 13.47 11.50
N ILE A 63 20.16 13.82 10.48
CA ILE A 63 18.71 13.66 10.55
C ILE A 63 18.37 12.50 9.63
N ALA A 64 17.98 11.37 10.22
CA ALA A 64 17.56 10.19 9.48
C ALA A 64 16.31 10.47 8.65
N LEU A 65 15.36 11.18 9.23
CA LEU A 65 14.16 11.60 8.52
C LEU A 65 13.77 13.00 8.93
N HIS A 66 13.63 13.87 7.93
CA HIS A 66 13.19 15.27 8.09
C HIS A 66 11.83 15.35 7.41
N ILE A 67 10.78 15.66 8.16
CA ILE A 67 9.45 15.78 7.61
C ILE A 67 9.08 17.25 7.79
N ASN A 68 8.81 17.94 6.68
CA ASN A 68 8.70 19.41 6.66
C ASN A 68 7.50 19.84 5.82
N PRO A 69 6.29 19.89 6.44
CA PRO A 69 5.15 20.54 5.80
C PRO A 69 5.37 22.05 5.63
N ARG A 70 5.12 22.54 4.43
CA ARG A 70 5.26 23.96 4.10
C ARG A 70 3.90 24.47 3.68
N MET A 71 3.37 25.41 4.44
CA MET A 71 2.01 25.92 4.24
C MET A 71 1.87 26.76 2.99
N GLY A 72 2.94 27.46 2.59
CA GLY A 72 2.96 28.27 1.36
C GLY A 72 2.60 27.53 0.08
N ASN A 73 3.39 26.51 -0.25
CA ASN A 73 3.09 25.64 -1.42
C ASN A 73 2.22 24.42 -1.10
N GLY A 74 1.94 24.17 0.17
CA GLY A 74 1.21 22.97 0.57
C GLY A 74 1.99 21.73 0.18
N THR A 75 3.29 21.73 0.44
CA THR A 75 4.15 20.58 0.18
C THR A 75 4.47 19.88 1.47
N VAL A 76 4.78 18.59 1.37
CA VAL A 76 5.26 17.81 2.52
C VAL A 76 6.59 17.21 2.13
N VAL A 77 7.66 17.93 2.48
CA VAL A 77 8.98 17.56 2.02
C VAL A 77 9.57 16.53 2.97
N ARG A 78 10.11 15.45 2.41
CA ARG A 78 10.95 14.53 3.16
C ARG A 78 12.39 14.57 2.66
N ASN A 79 13.34 14.55 3.59
CA ASN A 79 14.75 14.43 3.22
C ASN A 79 15.54 13.89 4.40
N SER A 80 16.81 13.60 4.18
CA SER A 80 17.78 13.31 5.23
C SER A 80 18.92 14.31 5.17
N LEU A 81 19.35 14.79 6.34
CA LEU A 81 20.59 15.54 6.48
C LEU A 81 21.64 14.55 6.98
N LEU A 82 22.57 14.20 6.10
CA LEU A 82 23.58 13.17 6.40
C LEU A 82 24.97 13.68 6.03
N ASN A 83 25.87 13.69 7.02
CA ASN A 83 27.25 14.20 6.88
C ASN A 83 27.34 15.67 6.48
N GLY A 84 26.43 16.46 7.02
CA GLY A 84 26.36 17.90 6.75
C GLY A 84 25.54 18.33 5.54
N SER A 85 25.05 17.39 4.74
CA SER A 85 24.37 17.75 3.49
C SER A 85 23.00 17.08 3.28
N TRP A 86 22.10 17.85 2.68
CA TRP A 86 20.77 17.38 2.32
C TRP A 86 20.82 16.46 1.10
N GLY A 87 20.03 15.40 1.14
CA GLY A 87 19.89 14.48 0.02
C GLY A 87 18.83 14.98 -0.93
N SER A 88 18.26 14.05 -1.70
CA SER A 88 17.18 14.34 -2.65
C SER A 88 15.85 14.36 -1.93
N GLU A 89 15.04 15.39 -2.20
CA GLU A 89 13.76 15.56 -1.56
C GLU A 89 12.76 14.56 -2.14
N GLU A 90 11.85 14.08 -1.29
CA GLU A 90 10.74 13.25 -1.74
C GLU A 90 9.48 13.99 -1.32
N LYS A 91 8.57 14.16 -2.26
CA LYS A 91 7.44 15.09 -2.12
C LYS A 91 6.07 14.49 -2.34
N LYS A 92 5.97 13.33 -2.99
CA LYS A 92 4.66 12.82 -3.43
C LYS A 92 3.79 12.37 -2.27
N ILE A 93 2.52 12.71 -2.37
CA ILE A 93 1.50 12.40 -1.37
C ILE A 93 0.21 12.14 -2.12
N THR A 94 -0.77 11.57 -1.44
CA THR A 94 -2.13 11.46 -1.96
C THR A 94 -3.08 12.39 -1.21
N HIS A 95 -2.60 12.95 -0.10
CA HIS A 95 -3.34 13.93 0.68
C HIS A 95 -2.39 14.79 1.52
N ASN A 96 -2.82 16.03 1.77
CA ASN A 96 -2.10 16.94 2.65
C ASN A 96 -2.98 17.28 3.85
N PRO A 97 -2.68 16.69 5.02
CA PRO A 97 -3.45 16.96 6.24
C PRO A 97 -2.99 18.20 7.00
N PHE A 98 -1.94 18.87 6.53
CA PHE A 98 -1.35 20.01 7.24
C PHE A 98 -1.86 21.38 6.74
N GLY A 99 -3.11 21.45 6.28
CA GLY A 99 -3.69 22.72 5.84
C GLY A 99 -3.82 23.71 7.00
N PRO A 100 -3.88 25.03 6.69
CA PRO A 100 -4.02 26.04 7.76
C PRO A 100 -5.23 25.79 8.67
N GLY A 101 -5.05 25.91 9.98
CA GLY A 101 -6.14 25.76 10.94
C GLY A 101 -6.67 24.34 11.15
N GLN A 102 -5.92 23.33 10.70
CA GLN A 102 -6.33 21.93 10.78
C GLN A 102 -5.60 21.21 11.91
N PHE A 103 -6.33 20.32 12.62
CA PHE A 103 -5.72 19.37 13.54
C PHE A 103 -5.30 18.11 12.77
N PHE A 104 -4.24 17.46 13.21
CA PHE A 104 -3.74 16.21 12.59
C PHE A 104 -3.32 15.20 13.64
N ASP A 105 -3.37 13.92 13.29
CA ASP A 105 -2.89 12.80 14.11
C ASP A 105 -1.86 12.00 13.30
N LEU A 106 -0.57 12.08 13.66
CA LEU A 106 0.49 11.37 12.94
C LEU A 106 0.91 10.09 13.64
N SER A 107 1.23 9.08 12.85
CA SER A 107 1.78 7.82 13.34
C SER A 107 3.01 7.52 12.48
N ILE A 108 4.18 7.47 13.13
CA ILE A 108 5.46 7.20 12.48
C ILE A 108 6.00 5.86 13.01
N ARG A 109 5.99 4.82 12.19
CA ARG A 109 6.46 3.50 12.61
C ARG A 109 7.80 3.23 11.92
N CYS A 110 8.85 2.96 12.70
CA CYS A 110 10.17 2.67 12.15
C CYS A 110 10.22 1.21 11.77
N GLY A 111 10.15 0.96 10.46
CA GLY A 111 10.32 -0.37 9.90
C GLY A 111 11.77 -0.76 9.74
N LEU A 112 11.98 -1.99 9.28
CA LEU A 112 13.34 -2.46 8.98
C LEU A 112 13.96 -1.70 7.79
N ASP A 113 13.18 -1.51 6.72
CA ASP A 113 13.67 -0.85 5.48
C ASP A 113 13.08 0.54 5.18
N ARG A 114 12.14 1.01 6.01
CA ARG A 114 11.50 2.30 5.77
C ARG A 114 10.73 2.77 6.99
N PHE A 115 10.52 4.09 7.07
CA PHE A 115 9.49 4.65 7.95
C PHE A 115 8.16 4.48 7.26
N LYS A 116 7.11 4.19 8.02
CA LYS A 116 5.75 4.13 7.50
C LYS A 116 4.98 5.21 8.26
N VAL A 117 4.56 6.24 7.53
CA VAL A 117 3.85 7.37 8.12
C VAL A 117 2.38 7.40 7.70
N TYR A 118 1.51 7.48 8.70
CA TYR A 118 0.07 7.66 8.53
C TYR A 118 -0.36 8.97 9.19
N ALA A 119 -1.28 9.67 8.55
CA ALA A 119 -1.88 10.88 9.09
C ALA A 119 -3.39 10.70 9.07
N ASN A 120 -3.99 10.83 10.25
CA ASN A 120 -5.45 10.68 10.43
C ASN A 120 -5.96 9.32 9.99
N GLY A 121 -5.21 8.27 10.34
CA GLY A 121 -5.56 6.91 9.93
C GLY A 121 -5.22 6.53 8.48
N GLN A 122 -4.75 7.49 7.69
CA GLN A 122 -4.56 7.29 6.26
C GLN A 122 -3.08 7.28 5.93
N HIS A 123 -2.68 6.38 5.02
CA HIS A 123 -1.29 6.34 4.59
C HIS A 123 -0.84 7.70 4.03
N LEU A 124 0.32 8.19 4.46
CA LEU A 124 0.83 9.47 3.98
C LEU A 124 2.04 9.27 3.07
N PHE A 125 3.07 8.60 3.59
CA PHE A 125 4.24 8.24 2.79
C PHE A 125 5.06 7.19 3.51
N ASP A 126 5.85 6.47 2.73
CA ASP A 126 6.94 5.66 3.23
C ASP A 126 8.19 6.43 2.89
N PHE A 127 9.23 6.27 3.71
CA PHE A 127 10.53 6.86 3.48
C PHE A 127 11.55 5.78 3.73
N ALA A 128 12.18 5.29 2.66
CA ALA A 128 13.20 4.24 2.77
C ALA A 128 14.34 4.76 3.62
N HIS A 129 14.90 3.90 4.47
CA HIS A 129 16.04 4.32 5.28
C HIS A 129 17.22 4.66 4.39
N ARG A 130 17.78 5.86 4.62
CA ARG A 130 19.06 6.28 4.01
C ARG A 130 20.19 6.12 5.01
N LEU A 131 19.92 6.43 6.28
CA LEU A 131 20.76 5.95 7.38
C LEU A 131 20.37 4.49 7.65
N SER A 132 21.20 3.58 7.12
CA SER A 132 20.99 2.13 7.23
C SER A 132 20.77 1.64 8.66
N ALA A 133 21.60 2.11 9.58
CA ALA A 133 21.52 1.75 11.00
C ALA A 133 20.61 2.73 11.78
N PHE A 134 19.31 2.63 11.51
CA PHE A 134 18.26 3.46 12.16
C PHE A 134 18.26 3.43 13.69
N GLN A 135 18.70 2.31 14.28
CA GLN A 135 18.76 2.19 15.75
C GLN A 135 19.61 3.27 16.45
N ARG A 136 20.54 3.87 15.72
CA ARG A 136 21.30 5.02 16.21
C ARG A 136 20.47 6.32 16.35
N VAL A 137 19.26 6.34 15.78
CA VAL A 137 18.33 7.47 15.98
C VAL A 137 17.88 7.47 17.43
N ASP A 138 18.29 8.50 18.18
CA ASP A 138 17.99 8.60 19.62
C ASP A 138 17.28 9.88 20.06
N THR A 139 16.85 10.73 19.12
CA THR A 139 16.26 12.05 19.43
C THR A 139 15.11 12.46 18.50
N LEU A 140 13.91 12.64 19.07
CA LEU A 140 12.82 13.26 18.33
C LEU A 140 12.94 14.76 18.51
N GLU A 141 12.87 15.49 17.41
CA GLU A 141 12.89 16.95 17.40
C GLU A 141 11.70 17.46 16.60
N ILE A 142 10.90 18.34 17.19
CA ILE A 142 9.80 18.99 16.47
C ILE A 142 9.98 20.50 16.61
N GLN A 143 9.93 21.22 15.49
CA GLN A 143 10.27 22.66 15.46
C GLN A 143 9.38 23.46 14.54
N GLY A 144 9.29 24.77 14.80
CA GLY A 144 8.66 25.73 13.90
C GLY A 144 7.21 25.97 14.21
N ASP A 145 6.41 26.13 13.17
CA ASP A 145 5.05 26.66 13.30
C ASP A 145 4.03 25.56 13.50
N VAL A 146 4.01 25.02 14.72
CA VAL A 146 3.10 23.95 15.07
C VAL A 146 2.77 24.02 16.57
N THR A 147 1.54 23.64 16.90
CA THR A 147 1.11 23.51 18.29
C THR A 147 0.80 22.03 18.50
N LEU A 148 1.48 21.43 19.48
CA LEU A 148 1.31 20.02 19.78
C LEU A 148 0.31 19.84 20.91
N SER A 149 -0.64 18.91 20.73
CA SER A 149 -1.54 18.46 21.80
C SER A 149 -0.98 17.22 22.52
N TYR A 150 -0.25 16.37 21.80
CA TYR A 150 0.16 15.09 22.35
C TYR A 150 1.32 14.53 21.52
N VAL A 151 2.41 14.18 22.20
CA VAL A 151 3.52 13.45 21.60
C VAL A 151 3.86 12.27 22.50
N GLN A 152 3.85 11.07 21.91
CA GLN A 152 4.19 9.83 22.62
C GLN A 152 5.45 9.22 21.99
N ILE A 153 6.51 9.14 22.78
CA ILE A 153 7.78 8.50 22.41
C ILE A 153 8.18 7.52 23.52
N PRO B 16 -24.01 -22.57 -16.26
CA PRO B 16 -24.86 -22.69 -15.08
C PRO B 16 -24.19 -22.17 -13.81
N THR B 17 -24.99 -21.95 -12.76
CA THR B 17 -24.50 -21.45 -11.47
C THR B 17 -23.89 -22.56 -10.60
N PHE B 18 -24.53 -23.73 -10.57
CA PHE B 18 -24.06 -24.87 -9.77
C PHE B 18 -23.29 -25.94 -10.54
N ASN B 19 -22.17 -26.39 -9.96
CA ASN B 19 -21.25 -27.35 -10.60
C ASN B 19 -20.87 -27.02 -12.05
N PRO B 20 -20.60 -25.73 -12.35
CA PRO B 20 -20.23 -25.44 -13.72
C PRO B 20 -18.91 -26.12 -14.05
N PRO B 21 -18.83 -26.77 -15.23
CA PRO B 21 -17.55 -27.37 -15.58
C PRO B 21 -16.54 -26.31 -15.97
N VAL B 22 -15.26 -26.68 -15.91
CA VAL B 22 -14.15 -25.82 -16.29
C VAL B 22 -13.63 -26.38 -17.62
N PRO B 23 -13.28 -25.55 -18.62
CA PRO B 23 -13.25 -24.09 -18.54
C PRO B 23 -14.63 -23.44 -18.52
N TYR B 24 -14.72 -22.36 -17.73
CA TYR B 24 -15.93 -21.60 -17.50
C TYR B 24 -15.78 -20.28 -18.24
N PHE B 25 -16.79 -19.92 -19.04
CA PHE B 25 -16.87 -18.60 -19.67
C PHE B 25 -18.21 -17.98 -19.28
N GLY B 26 -18.18 -16.81 -18.66
CA GLY B 26 -19.38 -16.14 -18.16
C GLY B 26 -19.44 -14.70 -18.60
N ARG B 27 -20.60 -14.28 -19.12
CA ARG B 27 -20.83 -12.88 -19.52
C ARG B 27 -21.40 -12.11 -18.34
N LEU B 28 -20.77 -10.98 -18.02
CA LEU B 28 -21.23 -10.10 -16.95
C LEU B 28 -22.20 -9.09 -17.54
N GLN B 29 -23.49 -9.45 -17.49
CA GLN B 29 -24.61 -8.59 -17.94
C GLN B 29 -24.44 -7.13 -17.51
N GLY B 30 -24.34 -6.25 -18.49
CA GLY B 30 -24.06 -4.82 -18.26
C GLY B 30 -22.57 -4.52 -18.26
N GLY B 31 -21.86 -5.10 -17.29
CA GLY B 31 -20.44 -4.84 -17.04
C GLY B 31 -20.24 -4.61 -15.57
N LEU B 32 -18.98 -4.51 -15.14
CA LEU B 32 -18.67 -4.31 -13.72
C LEU B 32 -19.11 -2.90 -13.28
N THR B 33 -19.60 -2.82 -12.04
CA THR B 33 -20.03 -1.57 -11.43
C THR B 33 -19.24 -1.38 -10.13
N ALA B 34 -19.42 -0.22 -9.50
CA ALA B 34 -18.77 0.08 -8.23
C ALA B 34 -19.23 -0.87 -7.10
N ARG B 35 -20.46 -1.35 -7.19
CA ARG B 35 -20.98 -2.34 -6.23
C ARG B 35 -20.55 -3.76 -6.55
N ARG B 36 -20.92 -4.23 -7.74
CA ARG B 36 -20.90 -5.65 -8.15
C ARG B 36 -19.93 -6.61 -7.42
N THR B 37 -20.50 -7.63 -6.77
CA THR B 37 -19.76 -8.73 -6.15
C THR B 37 -19.96 -10.04 -6.94
N ILE B 38 -18.88 -10.80 -7.12
CA ILE B 38 -18.91 -12.15 -7.71
C ILE B 38 -18.52 -13.19 -6.64
N ILE B 39 -19.21 -14.32 -6.64
CA ILE B 39 -18.90 -15.44 -5.75
C ILE B 39 -18.34 -16.63 -6.55
N ILE B 40 -17.22 -17.17 -6.09
CA ILE B 40 -16.66 -18.42 -6.64
C ILE B 40 -16.34 -19.38 -5.48
N LYS B 41 -17.06 -20.50 -5.39
CA LYS B 41 -16.74 -21.56 -4.44
C LYS B 41 -16.21 -22.77 -5.21
N GLY B 42 -15.09 -23.30 -4.74
CA GLY B 42 -14.41 -24.38 -5.45
C GLY B 42 -13.63 -25.29 -4.54
N TYR B 43 -13.04 -26.29 -5.19
CA TYR B 43 -12.20 -27.26 -4.56
C TYR B 43 -10.91 -27.25 -5.35
N VAL B 44 -9.77 -27.23 -4.66
CA VAL B 44 -8.47 -27.37 -5.30
C VAL B 44 -8.06 -28.84 -5.22
N PRO B 45 -7.99 -29.53 -6.38
CA PRO B 45 -7.65 -30.95 -6.38
C PRO B 45 -6.25 -31.20 -5.81
N PRO B 46 -6.02 -32.34 -5.12
CA PRO B 46 -4.68 -32.61 -4.57
C PRO B 46 -3.56 -32.75 -5.61
N THR B 47 -3.90 -33.13 -6.84
CA THR B 47 -2.90 -33.20 -7.92
C THR B 47 -2.71 -31.85 -8.64
N GLY B 48 -3.43 -30.81 -8.19
CA GLY B 48 -3.45 -29.52 -8.86
C GLY B 48 -2.13 -28.78 -8.85
N LYS B 49 -1.90 -28.03 -9.91
CA LYS B 49 -0.68 -27.25 -10.10
C LYS B 49 -1.01 -25.77 -10.32
N SER B 50 -2.02 -25.46 -11.12
CA SER B 50 -2.51 -24.08 -11.19
C SER B 50 -3.92 -23.94 -11.74
N PHE B 51 -4.60 -22.88 -11.33
CA PHE B 51 -5.84 -22.46 -11.97
C PHE B 51 -5.91 -20.94 -12.01
N ALA B 52 -6.72 -20.40 -12.92
CA ALA B 52 -6.79 -18.96 -13.07
C ALA B 52 -8.22 -18.47 -13.19
N ILE B 53 -8.47 -17.32 -12.56
CA ILE B 53 -9.71 -16.60 -12.69
C ILE B 53 -9.38 -15.32 -13.47
N ASN B 54 -10.10 -15.10 -14.57
CA ASN B 54 -9.82 -14.02 -15.51
C ASN B 54 -11.03 -13.08 -15.69
N PHE B 55 -10.82 -11.80 -15.36
CA PHE B 55 -11.83 -10.75 -15.56
C PHE B 55 -11.42 -9.98 -16.80
N LYS B 56 -12.20 -10.13 -17.87
CA LYS B 56 -11.77 -9.68 -19.20
C LYS B 56 -12.66 -8.59 -19.79
N VAL B 57 -12.08 -7.83 -20.74
CA VAL B 57 -12.86 -7.03 -21.68
C VAL B 57 -13.08 -7.91 -22.91
N GLY B 58 -14.26 -8.52 -23.00
CA GLY B 58 -14.60 -9.43 -24.09
C GLY B 58 -13.93 -10.80 -23.98
N SER B 59 -14.27 -11.67 -24.92
CA SER B 59 -13.77 -13.05 -24.96
C SER B 59 -12.25 -13.16 -25.15
N SER B 60 -11.67 -12.22 -25.91
CA SER B 60 -10.24 -12.26 -26.23
C SER B 60 -9.48 -10.93 -26.03
N GLY B 61 -10.11 -9.94 -25.39
CA GLY B 61 -9.48 -8.62 -25.19
C GLY B 61 -8.54 -8.61 -24.00
N ASP B 62 -8.48 -7.46 -23.31
CA ASP B 62 -7.61 -7.29 -22.15
C ASP B 62 -8.12 -8.12 -20.97
N ILE B 63 -7.21 -8.67 -20.18
CA ILE B 63 -7.55 -9.30 -18.90
C ILE B 63 -7.34 -8.25 -17.83
N ALA B 64 -8.43 -7.70 -17.32
CA ALA B 64 -8.38 -6.67 -16.27
C ALA B 64 -7.80 -7.18 -14.96
N LEU B 65 -8.23 -8.38 -14.57
CA LEU B 65 -7.68 -9.05 -13.39
C LEU B 65 -7.50 -10.54 -13.68
N HIS B 66 -6.28 -11.00 -13.49
CA HIS B 66 -5.89 -12.40 -13.60
C HIS B 66 -5.48 -12.82 -12.19
N ILE B 67 -6.19 -13.80 -11.63
CA ILE B 67 -5.88 -14.37 -10.31
C ILE B 67 -5.45 -15.81 -10.53
N ASN B 68 -4.21 -16.13 -10.18
CA ASN B 68 -3.61 -17.40 -10.56
C ASN B 68 -2.95 -18.11 -9.38
N PRO B 69 -3.72 -18.91 -8.62
CA PRO B 69 -3.06 -19.67 -7.58
C PRO B 69 -2.28 -20.81 -8.18
N ARG B 70 -1.06 -21.00 -7.69
CA ARG B 70 -0.13 -22.00 -8.17
C ARG B 70 0.27 -22.89 -7.00
N MET B 71 -0.19 -24.12 -7.00
CA MET B 71 0.05 -25.05 -5.90
C MET B 71 1.52 -25.43 -5.68
N GLY B 72 2.30 -25.49 -6.76
CA GLY B 72 3.74 -25.82 -6.68
C GLY B 72 4.58 -25.03 -5.71
N ASN B 73 4.31 -23.73 -5.60
CA ASN B 73 5.04 -22.83 -4.70
C ASN B 73 4.13 -22.00 -3.78
N GLY B 74 2.87 -22.39 -3.65
CA GLY B 74 1.89 -21.71 -2.79
C GLY B 74 1.74 -20.22 -3.05
N THR B 75 1.70 -19.83 -4.32
CA THR B 75 1.54 -18.41 -4.66
C THR B 75 0.15 -18.13 -5.20
N VAL B 76 -0.30 -16.90 -4.96
CA VAL B 76 -1.52 -16.38 -5.54
C VAL B 76 -1.07 -15.16 -6.35
N VAL B 77 -0.81 -15.39 -7.64
CA VAL B 77 -0.33 -14.33 -8.52
C VAL B 77 -1.51 -13.54 -9.07
N ARG B 78 -1.43 -12.22 -8.94
CA ARG B 78 -2.40 -11.33 -9.59
C ARG B 78 -1.71 -10.45 -10.61
N ASN B 79 -2.38 -10.29 -11.75
CA ASN B 79 -1.85 -9.41 -12.79
C ASN B 79 -2.97 -8.91 -13.72
N SER B 80 -2.59 -8.01 -14.63
CA SER B 80 -3.41 -7.58 -15.76
C SER B 80 -2.65 -7.82 -17.06
N LEU B 81 -3.35 -8.27 -18.10
CA LEU B 81 -2.82 -8.39 -19.45
C LEU B 81 -3.45 -7.31 -20.31
N LEU B 82 -2.78 -6.16 -20.40
CA LEU B 82 -3.25 -5.00 -21.18
C LEU B 82 -2.44 -4.88 -22.48
N ASN B 83 -3.14 -4.73 -23.60
CA ASN B 83 -2.53 -4.58 -24.93
C ASN B 83 -1.57 -5.73 -25.31
N GLY B 84 -1.87 -6.95 -24.82
CA GLY B 84 -1.01 -8.12 -25.03
C GLY B 84 0.21 -8.25 -24.13
N SER B 85 0.36 -7.35 -23.16
CA SER B 85 1.49 -7.34 -22.23
C SER B 85 1.01 -7.57 -20.79
N TRP B 86 1.55 -8.59 -20.14
CA TRP B 86 1.39 -8.77 -18.70
C TRP B 86 2.07 -7.61 -17.99
N GLY B 87 1.40 -7.05 -16.98
CA GLY B 87 1.96 -5.98 -16.15
C GLY B 87 2.84 -6.56 -15.07
N SER B 88 3.06 -5.78 -14.01
CA SER B 88 3.82 -6.23 -12.85
C SER B 88 2.95 -7.12 -11.95
N GLU B 89 3.55 -8.18 -11.41
CA GLU B 89 2.84 -9.16 -10.59
C GLU B 89 2.68 -8.68 -9.16
N GLU B 90 1.49 -8.88 -8.59
CA GLU B 90 1.24 -8.67 -7.16
C GLU B 90 1.00 -10.04 -6.52
N LYS B 91 1.84 -10.41 -5.57
CA LYS B 91 1.82 -11.73 -4.90
C LYS B 91 1.63 -11.71 -3.37
N LYS B 92 1.69 -10.53 -2.74
CA LYS B 92 1.53 -10.44 -1.28
C LYS B 92 0.19 -10.99 -0.74
N ILE B 93 0.29 -11.90 0.22
CA ILE B 93 -0.87 -12.43 0.95
C ILE B 93 -0.53 -12.54 2.44
N THR B 94 -1.54 -12.64 3.30
CA THR B 94 -1.33 -13.06 4.69
C THR B 94 -1.81 -14.48 4.94
N HIS B 95 -2.47 -15.09 3.96
CA HIS B 95 -2.89 -16.48 4.04
C HIS B 95 -3.13 -17.04 2.64
N ASN B 96 -2.95 -18.35 2.48
CA ASN B 96 -3.24 -19.00 1.22
C ASN B 96 -4.33 -20.06 1.37
N PRO B 97 -5.57 -19.76 0.89
CA PRO B 97 -6.70 -20.69 1.00
C PRO B 97 -6.75 -21.76 -0.09
N PHE B 98 -5.79 -21.77 -1.01
CA PHE B 98 -5.83 -22.62 -2.18
C PHE B 98 -4.88 -23.83 -2.07
N GLY B 99 -4.85 -24.46 -0.90
CA GLY B 99 -3.99 -25.62 -0.67
C GLY B 99 -4.53 -26.80 -1.45
N PRO B 100 -3.68 -27.78 -1.79
CA PRO B 100 -4.24 -28.98 -2.40
C PRO B 100 -5.26 -29.66 -1.47
N GLY B 101 -6.37 -30.12 -2.03
CA GLY B 101 -7.43 -30.73 -1.26
C GLY B 101 -8.30 -29.78 -0.43
N GLN B 102 -8.13 -28.46 -0.59
CA GLN B 102 -8.89 -27.50 0.22
C GLN B 102 -10.06 -26.92 -0.58
N PHE B 103 -11.19 -26.75 0.11
CA PHE B 103 -12.34 -26.00 -0.38
C PHE B 103 -12.13 -24.52 -0.09
N PHE B 104 -12.62 -23.65 -0.97
CA PHE B 104 -12.53 -22.20 -0.73
C PHE B 104 -13.80 -21.51 -1.19
N ASP B 105 -13.99 -20.28 -0.70
CA ASP B 105 -15.16 -19.46 -0.97
C ASP B 105 -14.70 -18.03 -1.22
N LEU B 106 -14.65 -17.64 -2.50
CA LEU B 106 -14.18 -16.31 -2.89
C LEU B 106 -15.32 -15.33 -3.09
N SER B 107 -15.19 -14.17 -2.46
CA SER B 107 -16.01 -13.00 -2.79
C SER B 107 -15.14 -11.98 -3.50
N ILE B 108 -15.54 -11.59 -4.71
CA ILE B 108 -14.78 -10.65 -5.52
C ILE B 108 -15.64 -9.43 -5.79
N ARG B 109 -15.27 -8.29 -5.20
CA ARG B 109 -16.02 -7.05 -5.33
C ARG B 109 -15.22 -6.05 -6.14
N CYS B 110 -15.78 -5.63 -7.28
CA CYS B 110 -15.18 -4.56 -8.08
C CYS B 110 -15.49 -3.22 -7.44
N GLY B 111 -14.51 -2.66 -6.74
CA GLY B 111 -14.63 -1.34 -6.13
C GLY B 111 -14.43 -0.23 -7.14
N LEU B 112 -14.32 0.99 -6.61
CA LEU B 112 -14.15 2.20 -7.42
C LEU B 112 -12.68 2.35 -7.83
N ASP B 113 -11.78 2.20 -6.85
CA ASP B 113 -10.33 2.28 -7.06
C ASP B 113 -9.64 0.93 -7.18
N ARG B 114 -10.30 -0.14 -6.73
CA ARG B 114 -9.64 -1.43 -6.57
C ARG B 114 -10.62 -2.59 -6.46
N PHE B 115 -10.19 -3.75 -6.96
CA PHE B 115 -10.87 -5.02 -6.64
C PHE B 115 -10.57 -5.37 -5.18
N LYS B 116 -11.55 -5.97 -4.50
CA LYS B 116 -11.47 -6.35 -3.09
C LYS B 116 -11.84 -7.83 -2.98
N VAL B 117 -10.85 -8.67 -2.68
CA VAL B 117 -11.02 -10.14 -2.72
C VAL B 117 -10.94 -10.76 -1.33
N TYR B 118 -12.03 -11.41 -0.91
CA TYR B 118 -12.08 -12.18 0.33
C TYR B 118 -12.14 -13.67 0.03
N ALA B 119 -11.52 -14.46 0.90
CA ALA B 119 -11.53 -15.95 0.83
C ALA B 119 -11.97 -16.47 2.20
N ASN B 120 -13.07 -17.24 2.23
CA ASN B 120 -13.63 -17.81 3.46
C ASN B 120 -13.92 -16.75 4.52
N GLY B 121 -14.42 -15.58 4.08
CA GLY B 121 -14.77 -14.48 4.95
C GLY B 121 -13.60 -13.61 5.42
N GLN B 122 -12.40 -13.92 4.94
CA GLN B 122 -11.18 -13.26 5.36
C GLN B 122 -10.54 -12.57 4.19
N HIS B 123 -10.23 -11.29 4.39
CA HIS B 123 -9.60 -10.50 3.36
C HIS B 123 -8.37 -11.21 2.82
N LEU B 124 -8.26 -11.27 1.49
CA LEU B 124 -7.16 -11.96 0.81
C LEU B 124 -6.24 -10.96 0.09
N PHE B 125 -6.80 -10.13 -0.77
CA PHE B 125 -6.06 -9.01 -1.36
C PHE B 125 -6.98 -7.94 -1.93
N ASP B 126 -6.45 -6.72 -2.03
CA ASP B 126 -7.02 -5.65 -2.83
C ASP B 126 -6.14 -5.54 -4.09
N PHE B 127 -6.75 -5.21 -5.22
CA PHE B 127 -6.03 -5.02 -6.50
C PHE B 127 -6.42 -3.68 -7.13
N ALA B 128 -5.50 -2.72 -7.06
CA ALA B 128 -5.71 -1.39 -7.66
C ALA B 128 -6.05 -1.50 -9.14
N HIS B 129 -7.15 -0.88 -9.56
CA HIS B 129 -7.56 -0.89 -10.96
C HIS B 129 -6.42 -0.39 -11.88
N ARG B 130 -6.16 -1.15 -12.95
CA ARG B 130 -5.15 -0.81 -13.95
C ARG B 130 -5.86 -0.39 -15.24
N LEU B 131 -6.80 -1.22 -15.69
CA LEU B 131 -7.73 -0.87 -16.76
C LEU B 131 -8.72 0.14 -16.16
N SER B 132 -8.31 1.40 -16.18
CA SER B 132 -8.93 2.48 -15.38
C SER B 132 -10.44 2.63 -15.54
N ALA B 133 -10.95 2.35 -16.75
CA ALA B 133 -12.39 2.29 -17.00
C ALA B 133 -12.83 0.85 -16.78
N PHE B 134 -12.96 0.48 -15.50
CA PHE B 134 -13.35 -0.88 -15.08
C PHE B 134 -14.73 -1.34 -15.56
N GLN B 135 -15.56 -0.38 -15.97
CA GLN B 135 -16.85 -0.66 -16.60
C GLN B 135 -16.74 -1.44 -17.92
N ARG B 136 -15.59 -1.36 -18.59
CA ARG B 136 -15.30 -2.15 -19.80
C ARG B 136 -15.29 -3.67 -19.55
N VAL B 137 -14.99 -4.08 -18.31
CA VAL B 137 -14.85 -5.49 -17.97
C VAL B 137 -16.25 -6.13 -17.95
N ASP B 138 -16.45 -7.11 -18.83
CA ASP B 138 -17.75 -7.77 -19.01
C ASP B 138 -17.71 -9.31 -19.08
N THR B 139 -16.53 -9.92 -18.90
CA THR B 139 -16.41 -11.37 -19.05
C THR B 139 -15.63 -11.95 -17.85
N LEU B 140 -16.10 -13.10 -17.37
CA LEU B 140 -15.44 -13.89 -16.33
C LEU B 140 -15.10 -15.23 -16.94
N GLU B 141 -13.83 -15.60 -16.87
CA GLU B 141 -13.37 -16.89 -17.33
C GLU B 141 -12.59 -17.58 -16.21
N ILE B 142 -12.83 -18.88 -16.05
CA ILE B 142 -12.11 -19.73 -15.10
C ILE B 142 -11.59 -20.96 -15.85
N GLN B 143 -10.28 -21.21 -15.76
CA GLN B 143 -9.65 -22.36 -16.43
C GLN B 143 -8.65 -23.05 -15.50
N GLY B 144 -8.33 -24.31 -15.83
CA GLY B 144 -7.24 -25.05 -15.17
C GLY B 144 -7.66 -26.00 -14.06
N ASP B 145 -6.73 -26.21 -13.12
CA ASP B 145 -6.87 -27.24 -12.09
C ASP B 145 -7.75 -26.79 -10.92
N VAL B 146 -9.06 -26.76 -11.17
CA VAL B 146 -10.05 -26.40 -10.16
C VAL B 146 -11.37 -27.10 -10.48
N THR B 147 -12.11 -27.44 -9.42
CA THR B 147 -13.48 -27.93 -9.54
C THR B 147 -14.35 -26.89 -8.88
N LEU B 148 -15.38 -26.45 -9.60
CA LEU B 148 -16.27 -25.39 -9.15
C LEU B 148 -17.59 -25.96 -8.66
N SER B 149 -18.01 -25.60 -7.44
CA SER B 149 -19.34 -25.97 -6.93
C SER B 149 -20.39 -24.87 -7.12
N TYR B 150 -19.95 -23.61 -7.20
CA TYR B 150 -20.89 -22.48 -7.25
C TYR B 150 -20.23 -21.20 -7.78
N VAL B 151 -20.82 -20.60 -8.82
CA VAL B 151 -20.35 -19.31 -9.32
C VAL B 151 -21.55 -18.39 -9.58
N GLN B 152 -21.66 -17.34 -8.78
CA GLN B 152 -22.70 -16.34 -8.93
C GLN B 152 -22.13 -15.11 -9.62
N ILE B 153 -22.70 -14.76 -10.76
CA ILE B 153 -22.41 -13.51 -11.47
C ILE B 153 -23.69 -12.67 -11.54
N GLY C 14 29.76 -27.02 12.24
CA GLY C 14 29.87 -28.51 12.24
C GLY C 14 28.94 -29.15 11.21
N PRO C 15 28.93 -30.50 11.14
CA PRO C 15 28.09 -31.17 10.15
C PRO C 15 26.58 -31.03 10.39
N PRO C 16 25.76 -31.40 9.39
CA PRO C 16 24.32 -31.39 9.57
C PRO C 16 23.87 -32.51 10.48
N THR C 17 22.68 -32.37 11.04
CA THR C 17 22.03 -33.44 11.77
C THR C 17 21.01 -34.00 10.79
N PHE C 18 21.09 -35.31 10.56
CA PHE C 18 20.21 -36.00 9.59
C PHE C 18 19.01 -36.66 10.27
N ASN C 19 17.85 -36.54 9.66
CA ASN C 19 16.60 -37.07 10.21
C ASN C 19 16.45 -36.95 11.73
N PRO C 20 16.66 -35.73 12.29
CA PRO C 20 16.48 -35.54 13.72
C PRO C 20 15.01 -35.73 14.12
N PRO C 21 14.75 -36.49 15.18
CA PRO C 21 13.35 -36.66 15.61
C PRO C 21 12.69 -35.36 16.04
N VAL C 22 11.38 -35.29 15.86
CA VAL C 22 10.52 -34.19 16.29
C VAL C 22 9.68 -34.69 17.49
N PRO C 23 9.69 -34.00 18.63
CA PRO C 23 10.32 -32.69 18.83
C PRO C 23 11.83 -32.73 18.77
N TYR C 24 12.41 -31.63 18.31
CA TYR C 24 13.85 -31.48 18.15
C TYR C 24 14.30 -30.32 18.99
N PHE C 25 15.30 -30.56 19.83
CA PHE C 25 15.92 -29.51 20.64
C PHE C 25 17.37 -29.41 20.22
N GLY C 26 17.64 -28.53 19.26
CA GLY C 26 19.00 -28.27 18.79
C GLY C 26 19.65 -27.22 19.67
N ARG C 27 20.89 -27.46 20.08
CA ARG C 27 21.62 -26.47 20.88
C ARG C 27 22.43 -25.56 19.96
N LEU C 28 22.14 -24.27 20.05
CA LEU C 28 22.89 -23.24 19.34
C LEU C 28 24.13 -22.91 20.16
N GLN C 29 25.16 -23.71 19.95
CA GLN C 29 26.49 -23.45 20.52
C GLN C 29 26.98 -22.04 20.17
N GLY C 30 27.46 -21.33 21.19
CA GLY C 30 27.86 -19.92 21.08
C GLY C 30 26.73 -18.92 21.28
N GLY C 31 25.49 -19.39 21.34
CA GLY C 31 24.31 -18.53 21.26
C GLY C 31 24.05 -18.16 19.81
N LEU C 32 22.84 -17.72 19.51
CA LEU C 32 22.50 -17.31 18.15
C LEU C 32 23.49 -16.24 17.72
N THR C 33 24.19 -16.48 16.61
CA THR C 33 25.27 -15.63 16.13
C THR C 33 24.87 -14.98 14.80
N ALA C 34 25.06 -13.67 14.70
CA ALA C 34 24.84 -12.91 13.47
C ALA C 34 25.75 -13.37 12.33
N ARG C 35 25.21 -13.26 11.13
CA ARG C 35 25.89 -13.62 9.87
C ARG C 35 26.12 -15.13 9.69
N ARG C 36 25.39 -15.95 10.45
CA ARG C 36 25.36 -17.39 10.25
C ARG C 36 23.96 -17.72 9.74
N THR C 37 23.86 -18.75 8.90
CA THR C 37 22.60 -19.16 8.31
C THR C 37 22.28 -20.58 8.73
N ILE C 38 21.06 -20.76 9.20
CA ILE C 38 20.57 -22.04 9.64
C ILE C 38 19.75 -22.65 8.50
N ILE C 39 19.97 -23.94 8.24
CA ILE C 39 19.29 -24.63 7.16
C ILE C 39 18.41 -25.72 7.75
N ILE C 40 17.12 -25.70 7.41
CA ILE C 40 16.17 -26.71 7.87
C ILE C 40 15.47 -27.27 6.65
N LYS C 41 15.68 -28.55 6.36
CA LYS C 41 14.92 -29.23 5.32
C LYS C 41 13.90 -30.14 6.00
N GLY C 42 12.68 -30.10 5.50
CA GLY C 42 11.58 -30.85 6.11
C GLY C 42 10.45 -31.13 5.14
N TYR C 43 9.50 -31.89 5.65
CA TYR C 43 8.32 -32.35 4.91
C TYR C 43 7.13 -32.04 5.79
N VAL C 44 6.07 -31.52 5.18
CA VAL C 44 4.80 -31.26 5.87
C VAL C 44 3.91 -32.44 5.54
N PRO C 45 3.52 -33.27 6.56
CA PRO C 45 2.70 -34.43 6.22
C PRO C 45 1.33 -34.03 5.69
N PRO C 46 0.73 -34.82 4.78
CA PRO C 46 -0.57 -34.41 4.20
C PRO C 46 -1.76 -34.29 5.18
N THR C 47 -1.64 -34.81 6.41
CA THR C 47 -2.65 -34.63 7.46
C THR C 47 -2.21 -33.65 8.57
N GLY C 48 -1.04 -33.03 8.40
CA GLY C 48 -0.50 -32.11 9.39
C GLY C 48 -1.39 -30.89 9.57
N LYS C 49 -1.49 -30.41 10.81
CA LYS C 49 -2.28 -29.22 11.12
C LYS C 49 -1.38 -28.01 11.39
N SER C 50 -0.21 -28.24 11.98
CA SER C 50 0.60 -27.14 12.49
C SER C 50 1.96 -27.64 12.93
N PHE C 51 2.96 -26.77 12.83
CA PHE C 51 4.24 -27.03 13.46
C PHE C 51 4.88 -25.68 13.72
N ALA C 52 5.94 -25.70 14.51
CA ALA C 52 6.61 -24.47 14.90
C ALA C 52 8.10 -24.70 15.00
N ILE C 53 8.85 -23.72 14.49
CA ILE C 53 10.28 -23.59 14.70
C ILE C 53 10.42 -22.43 15.70
N ASN C 54 11.01 -22.68 16.88
CA ASN C 54 11.23 -21.64 17.89
C ASN C 54 12.72 -21.38 18.09
N PHE C 55 13.08 -20.10 18.09
CA PHE C 55 14.39 -19.64 18.53
C PHE C 55 14.24 -19.21 19.98
N LYS C 56 14.85 -19.97 20.88
CA LYS C 56 14.43 -20.00 22.29
C LYS C 56 15.60 -19.76 23.25
N VAL C 57 15.31 -19.03 24.32
CA VAL C 57 16.25 -18.82 25.42
C VAL C 57 15.96 -19.89 26.47
N GLY C 58 16.80 -20.91 26.51
CA GLY C 58 16.68 -22.01 27.47
C GLY C 58 16.58 -21.59 28.93
N SER C 59 17.31 -20.53 29.32
CA SER C 59 17.35 -20.07 30.72
C SER C 59 16.12 -19.30 31.19
N SER C 60 15.21 -18.93 30.28
CA SER C 60 13.91 -18.32 30.66
C SER C 60 12.67 -18.91 29.96
N GLY C 61 12.85 -19.67 28.89
CA GLY C 61 11.75 -20.05 28.04
C GLY C 61 11.20 -18.95 27.14
N ASP C 62 11.88 -17.79 27.07
CA ASP C 62 11.56 -16.75 26.09
C ASP C 62 11.82 -17.26 24.68
N ILE C 63 10.93 -16.95 23.75
CA ILE C 63 11.08 -17.32 22.35
C ILE C 63 11.24 -16.01 21.55
N ALA C 64 12.43 -15.79 21.01
CA ALA C 64 12.73 -14.59 20.21
C ALA C 64 12.01 -14.60 18.87
N LEU C 65 11.87 -15.79 18.28
CA LEU C 65 11.15 -15.95 17.02
C LEU C 65 10.45 -17.30 16.97
N HIS C 66 9.14 -17.25 16.87
CA HIS C 66 8.26 -18.42 16.76
C HIS C 66 7.76 -18.38 15.32
N ILE C 67 8.14 -19.36 14.50
CA ILE C 67 7.68 -19.47 13.11
C ILE C 67 6.72 -20.66 13.03
N ASN C 68 5.45 -20.38 12.70
CA ASN C 68 4.37 -21.32 12.93
C ASN C 68 3.50 -21.46 11.69
N PRO C 69 3.92 -22.34 10.74
CA PRO C 69 3.02 -22.63 9.62
C PRO C 69 1.80 -23.41 10.08
N ARG C 70 0.62 -22.96 9.65
CA ARG C 70 -0.65 -23.58 9.96
C ARG C 70 -1.28 -23.87 8.61
N MET C 71 -1.47 -25.15 8.28
CA MET C 71 -1.92 -25.48 6.90
C MET C 71 -3.43 -25.51 6.75
N GLY C 72 -4.19 -25.54 7.84
CA GLY C 72 -5.64 -25.42 7.78
C GLY C 72 -6.07 -24.13 7.08
N ASN C 73 -5.44 -23.01 7.43
CA ASN C 73 -5.69 -21.71 6.77
C ASN C 73 -4.50 -21.20 5.92
N GLY C 74 -3.44 -22.00 5.79
CA GLY C 74 -2.32 -21.67 4.90
C GLY C 74 -1.61 -20.39 5.29
N THR C 75 -1.34 -20.24 6.58
CA THR C 75 -0.66 -19.06 7.10
C THR C 75 0.74 -19.44 7.53
N VAL C 76 1.63 -18.46 7.59
CA VAL C 76 2.90 -18.59 8.28
C VAL C 76 2.98 -17.45 9.28
N VAL C 77 2.71 -17.80 10.54
CA VAL C 77 2.60 -16.84 11.63
C VAL C 77 3.96 -16.70 12.32
N ARG C 78 4.39 -15.46 12.51
CA ARG C 78 5.62 -15.18 13.25
C ARG C 78 5.31 -14.34 14.47
N ASN C 79 5.93 -14.68 15.60
CA ASN C 79 5.76 -13.93 16.85
C ASN C 79 6.94 -14.17 17.78
N SER C 80 6.90 -13.49 18.92
CA SER C 80 7.89 -13.63 19.99
C SER C 80 7.17 -13.84 21.33
N LEU C 81 7.69 -14.73 22.17
CA LEU C 81 7.20 -14.93 23.53
C LEU C 81 8.20 -14.32 24.51
N LEU C 82 8.01 -13.05 24.85
CA LEU C 82 8.96 -12.34 25.72
C LEU C 82 8.25 -11.96 27.02
N ASN C 83 8.92 -12.22 28.14
CA ASN C 83 8.38 -12.06 29.51
C ASN C 83 7.12 -12.88 29.82
N GLY C 84 6.89 -13.96 29.08
CA GLY C 84 5.69 -14.78 29.23
C GLY C 84 4.45 -14.31 28.49
N SER C 85 4.58 -13.27 27.67
CA SER C 85 3.45 -12.76 26.86
C SER C 85 3.83 -12.65 25.38
N TRP C 86 2.92 -13.07 24.51
CA TRP C 86 3.11 -12.96 23.06
C TRP C 86 2.94 -11.52 22.60
N GLY C 87 3.74 -11.14 21.60
CA GLY C 87 3.58 -9.84 20.95
C GLY C 87 2.45 -9.87 19.93
N SER C 88 2.61 -9.08 18.87
CA SER C 88 1.70 -9.08 17.72
C SER C 88 2.21 -10.04 16.64
N GLU C 89 1.28 -10.68 15.93
CA GLU C 89 1.62 -11.63 14.87
C GLU C 89 1.98 -10.92 13.58
N GLU C 90 3.05 -11.38 12.93
CA GLU C 90 3.35 -10.97 11.55
C GLU C 90 3.00 -12.12 10.61
N LYS C 91 2.27 -11.82 9.53
CA LYS C 91 1.74 -12.86 8.61
C LYS C 91 2.00 -12.67 7.11
N LYS C 92 2.46 -11.48 6.69
CA LYS C 92 2.61 -11.22 5.25
C LYS C 92 3.69 -12.11 4.61
N ILE C 93 3.38 -12.59 3.42
CA ILE C 93 4.27 -13.45 2.65
C ILE C 93 3.97 -13.25 1.17
N THR C 94 4.91 -13.61 0.31
CA THR C 94 4.65 -13.65 -1.14
C THR C 94 4.46 -15.09 -1.64
N HIS C 95 4.75 -16.07 -0.79
CA HIS C 95 4.49 -17.49 -1.10
C HIS C 95 4.34 -18.32 0.18
N ASN C 96 3.69 -19.48 0.06
CA ASN C 96 3.54 -20.41 1.18
C ASN C 96 4.07 -21.78 0.74
N PRO C 97 5.32 -22.08 1.11
CA PRO C 97 5.96 -23.34 0.76
C PRO C 97 5.62 -24.51 1.71
N PHE C 98 4.64 -24.35 2.61
CA PHE C 98 4.33 -25.33 3.66
C PHE C 98 2.99 -26.01 3.43
N GLY C 99 2.61 -26.24 2.18
CA GLY C 99 1.38 -26.95 1.86
C GLY C 99 1.46 -28.42 2.27
N PRO C 100 0.30 -29.11 2.39
CA PRO C 100 0.33 -30.51 2.78
C PRO C 100 1.05 -31.36 1.74
N GLY C 101 1.94 -32.23 2.20
CA GLY C 101 2.73 -33.07 1.31
C GLY C 101 3.91 -32.41 0.62
N GLN C 102 4.18 -31.12 0.87
CA GLN C 102 5.31 -30.41 0.24
C GLN C 102 6.59 -30.60 1.07
N PHE C 103 7.71 -30.82 0.39
CA PHE C 103 9.03 -30.66 0.99
C PHE C 103 9.35 -29.19 0.94
N PHE C 104 9.98 -28.68 1.98
CA PHE C 104 10.52 -27.32 1.99
C PHE C 104 12.03 -27.35 2.26
N ASP C 105 12.73 -26.32 1.78
CA ASP C 105 14.15 -26.12 2.08
C ASP C 105 14.27 -24.72 2.68
N LEU C 106 14.31 -24.66 4.01
CA LEU C 106 14.26 -23.38 4.73
C LEU C 106 15.66 -22.92 5.06
N SER C 107 15.91 -21.62 4.91
CA SER C 107 17.15 -21.03 5.37
C SER C 107 16.81 -19.78 6.21
N ILE C 108 17.51 -19.60 7.32
CA ILE C 108 17.23 -18.52 8.25
C ILE C 108 18.56 -17.88 8.61
N ARG C 109 18.76 -16.65 8.15
CA ARG C 109 19.97 -15.88 8.48
C ARG C 109 19.68 -14.93 9.63
N CYS C 110 20.55 -14.93 10.63
CA CYS C 110 20.50 -13.93 11.71
C CYS C 110 21.36 -12.74 11.27
N GLY C 111 20.73 -11.60 11.05
CA GLY C 111 21.43 -10.32 10.82
C GLY C 111 21.47 -9.52 12.11
N LEU C 112 22.13 -8.36 12.08
CA LEU C 112 22.23 -7.50 13.27
C LEU C 112 20.88 -6.95 13.75
N ASP C 113 19.98 -6.68 12.81
CA ASP C 113 18.66 -6.08 13.13
C ASP C 113 17.46 -6.99 12.87
N ARG C 114 17.65 -8.06 12.09
CA ARG C 114 16.54 -8.90 11.65
C ARG C 114 16.93 -10.35 11.43
N PHE C 115 15.92 -11.22 11.49
CA PHE C 115 16.00 -12.55 10.90
C PHE C 115 15.60 -12.42 9.44
N LYS C 116 16.33 -13.10 8.57
CA LYS C 116 16.06 -13.13 7.13
C LYS C 116 15.76 -14.58 6.77
N VAL C 117 14.54 -14.85 6.33
CA VAL C 117 14.08 -16.22 6.10
C VAL C 117 13.75 -16.40 4.63
N TYR C 118 14.27 -17.49 4.04
CA TYR C 118 14.02 -17.91 2.65
C TYR C 118 13.51 -19.34 2.63
N ALA C 119 12.74 -19.65 1.60
CA ALA C 119 12.24 -20.99 1.37
C ALA C 119 12.54 -21.38 -0.07
N ASN C 120 13.27 -22.48 -0.22
CA ASN C 120 13.73 -22.96 -1.54
C ASN C 120 14.49 -21.85 -2.29
N GLY C 121 15.27 -21.06 -1.56
CA GLY C 121 16.06 -19.98 -2.15
C GLY C 121 15.31 -18.71 -2.54
N GLN C 122 14.00 -18.67 -2.31
CA GLN C 122 13.17 -17.49 -2.57
C GLN C 122 12.88 -16.78 -1.24
N HIS C 123 13.07 -15.47 -1.17
CA HIS C 123 12.83 -14.73 0.08
C HIS C 123 11.38 -14.97 0.53
N LEU C 124 11.19 -15.23 1.83
CA LEU C 124 9.88 -15.53 2.42
C LEU C 124 9.39 -14.43 3.36
N PHE C 125 10.20 -14.08 4.36
CA PHE C 125 9.93 -12.91 5.22
C PHE C 125 11.15 -12.46 6.00
N ASP C 126 11.13 -11.19 6.40
CA ASP C 126 12.03 -10.64 7.38
C ASP C 126 11.29 -10.53 8.72
N PHE C 127 12.03 -10.62 9.83
CA PHE C 127 11.45 -10.44 11.17
C PHE C 127 12.42 -9.59 11.98
N ALA C 128 11.99 -8.40 12.38
CA ALA C 128 12.81 -7.50 13.18
C ALA C 128 13.03 -8.07 14.59
N HIS C 129 14.23 -7.91 15.12
CA HIS C 129 14.54 -8.40 16.47
C HIS C 129 13.71 -7.66 17.51
N ARG C 130 12.79 -8.39 18.15
CA ARG C 130 12.05 -7.87 19.30
C ARG C 130 12.86 -8.11 20.56
N LEU C 131 13.50 -9.29 20.62
CA LEU C 131 14.51 -9.61 21.60
C LEU C 131 15.84 -9.05 21.09
N SER C 132 16.15 -7.83 21.52
CA SER C 132 17.35 -7.09 21.09
C SER C 132 18.64 -7.90 21.24
N ALA C 133 18.80 -8.54 22.40
CA ALA C 133 19.96 -9.38 22.70
C ALA C 133 19.72 -10.81 22.21
N PHE C 134 19.65 -10.95 20.88
CA PHE C 134 19.36 -12.24 20.23
C PHE C 134 20.38 -13.34 20.52
N GLN C 135 21.58 -12.97 20.98
CA GLN C 135 22.60 -13.97 21.35
C GLN C 135 22.21 -14.81 22.60
N ARG C 136 21.18 -14.38 23.34
CA ARG C 136 20.61 -15.15 24.44
C ARG C 136 19.89 -16.43 23.99
N VAL C 137 19.37 -16.43 22.76
CA VAL C 137 18.78 -17.63 22.17
C VAL C 137 19.86 -18.70 22.06
N ASP C 138 19.64 -19.83 22.73
CA ASP C 138 20.61 -20.94 22.73
C ASP C 138 20.00 -22.28 22.31
N THR C 139 18.75 -22.24 21.87
CA THR C 139 17.98 -23.44 21.64
C THR C 139 17.15 -23.22 20.38
N LEU C 140 17.23 -24.19 19.48
CA LEU C 140 16.36 -24.26 18.33
C LEU C 140 15.43 -25.41 18.56
N GLU C 141 14.14 -25.11 18.63
CA GLU C 141 13.13 -26.10 18.91
C GLU C 141 12.22 -26.25 17.70
N ILE C 142 11.95 -27.49 17.32
CA ILE C 142 11.04 -27.78 16.24
C ILE C 142 10.06 -28.84 16.71
N GLN C 143 8.79 -28.47 16.79
CA GLN C 143 7.74 -29.36 17.27
C GLN C 143 6.56 -29.34 16.32
N GLY C 144 5.72 -30.37 16.42
CA GLY C 144 4.44 -30.41 15.72
C GLY C 144 4.46 -31.30 14.49
N ASP C 145 3.63 -30.95 13.51
CA ASP C 145 3.35 -31.82 12.37
C ASP C 145 4.33 -31.54 11.23
N VAL C 146 5.56 -32.00 11.44
CA VAL C 146 6.65 -31.91 10.48
C VAL C 146 7.56 -33.13 10.63
N THR C 147 8.12 -33.61 9.53
CA THR C 147 9.26 -34.52 9.54
C THR C 147 10.49 -33.72 9.12
N LEU C 148 11.65 -34.00 9.73
CA LEU C 148 12.87 -33.26 9.44
C LEU C 148 13.87 -34.11 8.66
N SER C 149 14.33 -33.59 7.52
CA SER C 149 15.37 -34.27 6.73
C SER C 149 16.75 -33.93 7.27
N TYR C 150 16.98 -32.66 7.58
CA TYR C 150 18.31 -32.10 7.66
C TYR C 150 18.22 -30.79 8.46
N VAL C 151 19.08 -30.66 9.47
CA VAL C 151 19.25 -29.40 10.20
C VAL C 151 20.76 -29.10 10.24
N GLN C 152 21.15 -27.91 9.82
CA GLN C 152 22.55 -27.48 9.85
C GLN C 152 22.62 -26.01 10.28
N ILE C 153 23.35 -25.74 11.36
CA ILE C 153 23.52 -24.37 11.86
C ILE C 153 24.57 -23.65 10.99
N GLY D 14 -11.54 34.93 -27.18
CA GLY D 14 -10.06 35.13 -27.26
C GLY D 14 -9.47 35.82 -26.05
N PRO D 15 -10.01 37.01 -25.69
CA PRO D 15 -9.59 37.69 -24.46
C PRO D 15 -9.95 36.91 -23.18
N PRO D 16 -9.23 37.19 -22.08
CA PRO D 16 -9.61 36.61 -20.79
C PRO D 16 -10.94 37.15 -20.31
N THR D 17 -11.66 36.32 -19.55
CA THR D 17 -12.85 36.73 -18.85
C THR D 17 -12.41 37.08 -17.43
N PHE D 18 -12.65 38.33 -17.04
CA PHE D 18 -12.30 38.80 -15.70
C PHE D 18 -13.46 38.60 -14.73
N ASN D 19 -13.12 38.16 -13.52
CA ASN D 19 -14.05 37.92 -12.41
C ASN D 19 -15.31 37.13 -12.77
N PRO D 20 -15.15 35.97 -13.47
CA PRO D 20 -16.36 35.24 -13.85
C PRO D 20 -17.12 34.71 -12.62
N PRO D 21 -18.47 34.75 -12.64
CA PRO D 21 -19.24 34.27 -11.50
C PRO D 21 -19.17 32.76 -11.37
N VAL D 22 -19.21 32.28 -10.13
CA VAL D 22 -19.42 30.86 -9.85
C VAL D 22 -20.93 30.71 -9.61
N PRO D 23 -21.60 29.72 -10.20
CA PRO D 23 -21.00 28.71 -11.09
C PRO D 23 -20.67 29.24 -12.48
N TYR D 24 -19.45 28.93 -12.95
CA TYR D 24 -18.98 29.35 -14.26
C TYR D 24 -19.25 28.27 -15.30
N PHE D 25 -19.72 28.69 -16.48
CA PHE D 25 -19.95 27.82 -17.61
C PHE D 25 -19.28 28.46 -18.82
N GLY D 26 -18.09 27.96 -19.15
CA GLY D 26 -17.28 28.48 -20.25
C GLY D 26 -17.59 27.78 -21.57
N ARG D 27 -17.30 28.47 -22.66
CA ARG D 27 -17.47 27.96 -24.02
C ARG D 27 -16.11 27.84 -24.68
N LEU D 28 -15.77 26.65 -25.17
CA LEU D 28 -14.54 26.44 -25.92
C LEU D 28 -14.76 26.80 -27.40
N GLN D 29 -13.67 27.00 -28.13
CA GLN D 29 -13.72 27.36 -29.55
C GLN D 29 -13.28 26.16 -30.40
N GLY D 30 -14.06 25.84 -31.44
CA GLY D 30 -13.91 24.60 -32.18
C GLY D 30 -14.28 23.44 -31.27
N GLY D 31 -13.27 22.94 -30.55
CA GLY D 31 -13.47 21.98 -29.47
C GLY D 31 -12.31 22.07 -28.50
N LEU D 32 -12.14 21.03 -27.68
CA LEU D 32 -10.96 20.92 -26.81
C LEU D 32 -9.82 20.51 -27.73
N THR D 33 -8.83 21.38 -27.86
CA THR D 33 -7.80 21.25 -28.88
C THR D 33 -6.47 20.98 -28.20
N ALA D 34 -5.74 19.99 -28.72
CA ALA D 34 -4.41 19.69 -28.22
C ALA D 34 -3.48 20.89 -28.44
N ARG D 35 -2.52 21.05 -27.54
CA ARG D 35 -1.52 22.13 -27.59
C ARG D 35 -2.06 23.53 -27.25
N ARG D 36 -3.30 23.63 -26.75
CA ARG D 36 -3.85 24.89 -26.23
C ARG D 36 -3.89 24.79 -24.70
N THR D 37 -3.58 25.90 -24.03
CA THR D 37 -3.50 25.94 -22.56
C THR D 37 -4.61 26.83 -21.99
N ILE D 38 -5.43 26.26 -21.10
CA ILE D 38 -6.42 27.02 -20.34
C ILE D 38 -5.79 27.53 -19.03
N ILE D 39 -6.01 28.80 -18.74
CA ILE D 39 -5.51 29.43 -17.51
C ILE D 39 -6.70 29.78 -16.64
N ILE D 40 -6.58 29.44 -15.35
CA ILE D 40 -7.62 29.69 -14.36
C ILE D 40 -6.97 30.27 -13.12
N LYS D 41 -7.27 31.53 -12.80
CA LYS D 41 -6.77 32.13 -11.57
C LYS D 41 -7.90 32.29 -10.57
N GLY D 42 -7.66 31.89 -9.33
CA GLY D 42 -8.72 31.83 -8.33
C GLY D 42 -8.29 31.97 -6.88
N TYR D 43 -9.29 31.91 -6.01
CA TYR D 43 -9.12 32.01 -4.56
C TYR D 43 -10.05 31.02 -3.86
N VAL D 44 -9.50 30.22 -2.95
CA VAL D 44 -10.28 29.30 -2.12
C VAL D 44 -10.60 30.07 -0.84
N PRO D 45 -11.90 30.31 -0.53
CA PRO D 45 -12.20 30.87 0.82
C PRO D 45 -11.77 29.97 1.99
N PRO D 46 -11.45 30.54 3.17
CA PRO D 46 -11.14 29.70 4.35
C PRO D 46 -12.30 28.79 4.79
N THR D 47 -13.52 29.30 4.65
CA THR D 47 -14.75 28.51 4.81
C THR D 47 -14.96 27.37 3.80
N GLY D 48 -14.21 27.36 2.69
CA GLY D 48 -14.41 26.38 1.62
C GLY D 48 -14.13 24.93 1.96
N LYS D 49 -15.02 24.05 1.49
CA LYS D 49 -14.88 22.59 1.62
C LYS D 49 -14.37 21.93 0.34
N SER D 50 -14.91 22.36 -0.80
CA SER D 50 -14.57 21.75 -2.09
C SER D 50 -14.92 22.64 -3.28
N PHE D 51 -14.21 22.45 -4.39
CA PHE D 51 -14.64 22.98 -5.70
C PHE D 51 -14.29 22.00 -6.81
N ALA D 52 -15.01 22.05 -7.93
CA ALA D 52 -14.82 21.14 -9.06
C ALA D 52 -14.56 21.92 -10.34
N ILE D 53 -13.52 21.53 -11.08
CA ILE D 53 -13.28 21.99 -12.46
C ILE D 53 -13.59 20.82 -13.39
N ASN D 54 -14.56 21.01 -14.28
CA ASN D 54 -15.03 19.96 -15.18
C ASN D 54 -14.86 20.35 -16.66
N PHE D 55 -14.13 19.50 -17.38
CA PHE D 55 -14.08 19.55 -18.84
C PHE D 55 -15.20 18.64 -19.32
N LYS D 56 -16.34 19.24 -19.65
CA LYS D 56 -17.59 18.50 -19.91
C LYS D 56 -18.04 18.61 -21.37
N VAL D 57 -18.61 17.51 -21.88
CA VAL D 57 -19.29 17.49 -23.18
C VAL D 57 -20.73 17.93 -22.93
N GLY D 58 -21.08 19.13 -23.36
CA GLY D 58 -22.39 19.74 -23.07
C GLY D 58 -23.61 18.88 -23.37
N SER D 59 -23.59 18.24 -24.54
CA SER D 59 -24.68 17.38 -24.98
C SER D 59 -24.74 16.04 -24.23
N SER D 60 -23.57 15.43 -24.07
CA SER D 60 -23.45 14.09 -23.47
C SER D 60 -23.66 14.06 -21.97
N GLY D 61 -23.10 15.05 -21.27
CA GLY D 61 -23.06 15.04 -19.80
C GLY D 61 -21.81 14.37 -19.22
N ASP D 62 -21.01 13.70 -20.06
CA ASP D 62 -19.72 13.14 -19.65
C ASP D 62 -18.80 14.24 -19.16
N ILE D 63 -17.84 13.86 -18.30
CA ILE D 63 -16.79 14.78 -17.88
C ILE D 63 -15.48 14.06 -18.19
N ALA D 64 -14.77 14.54 -19.21
CA ALA D 64 -13.47 14.00 -19.61
C ALA D 64 -12.40 14.14 -18.51
N LEU D 65 -12.48 15.22 -17.73
CA LEU D 65 -11.57 15.44 -16.62
C LEU D 65 -12.30 16.24 -15.56
N HIS D 66 -12.40 15.65 -14.38
CA HIS D 66 -12.98 16.26 -13.21
C HIS D 66 -11.81 16.50 -12.29
N ILE D 67 -11.59 17.76 -11.90
CA ILE D 67 -10.54 18.12 -10.95
C ILE D 67 -11.24 18.70 -9.72
N ASN D 68 -11.06 18.07 -8.57
CA ASN D 68 -11.87 18.33 -7.39
C ASN D 68 -11.00 18.50 -6.13
N PRO D 69 -10.49 19.71 -5.90
CA PRO D 69 -9.83 19.98 -4.64
C PRO D 69 -10.81 19.93 -3.46
N ARG D 70 -10.40 19.26 -2.40
CA ARG D 70 -11.20 19.05 -1.21
C ARG D 70 -10.38 19.54 -0.02
N MET D 71 -10.81 20.65 0.56
CA MET D 71 -10.09 21.31 1.65
C MET D 71 -9.96 20.45 2.91
N GLY D 72 -10.99 19.65 3.19
CA GLY D 72 -11.06 18.85 4.42
C GLY D 72 -9.93 17.88 4.68
N ASN D 73 -9.51 17.16 3.64
CA ASN D 73 -8.33 16.28 3.72
C ASN D 73 -7.13 16.76 2.90
N GLY D 74 -7.29 17.85 2.16
CA GLY D 74 -6.24 18.38 1.30
C GLY D 74 -5.93 17.39 0.19
N THR D 75 -6.96 16.99 -0.52
CA THR D 75 -6.81 16.12 -1.67
C THR D 75 -7.18 16.85 -2.95
N VAL D 76 -6.52 16.47 -4.04
CA VAL D 76 -6.85 16.90 -5.39
C VAL D 76 -7.27 15.61 -6.14
N VAL D 77 -8.56 15.30 -6.12
CA VAL D 77 -9.10 14.11 -6.81
C VAL D 77 -9.25 14.40 -8.30
N ARG D 78 -8.84 13.45 -9.14
CA ARG D 78 -9.13 13.46 -10.57
C ARG D 78 -9.84 12.19 -10.98
N ASN D 79 -10.84 12.35 -11.85
CA ASN D 79 -11.63 11.22 -12.35
C ASN D 79 -12.40 11.64 -13.60
N SER D 80 -12.98 10.66 -14.29
CA SER D 80 -13.87 10.86 -15.43
C SER D 80 -15.25 10.29 -15.14
N LEU D 81 -16.30 11.10 -15.32
CA LEU D 81 -17.69 10.64 -15.28
C LEU D 81 -18.10 10.20 -16.68
N LEU D 82 -18.20 8.88 -16.86
CA LEU D 82 -18.65 8.30 -18.13
C LEU D 82 -19.95 7.53 -17.89
N ASN D 83 -21.03 7.96 -18.57
CA ASN D 83 -22.36 7.34 -18.46
C ASN D 83 -22.92 7.37 -17.04
N GLY D 84 -22.85 8.54 -16.40
CA GLY D 84 -23.28 8.70 -15.01
C GLY D 84 -22.52 7.83 -14.01
N SER D 85 -21.32 7.38 -14.37
CA SER D 85 -20.50 6.48 -13.55
C SER D 85 -19.05 6.95 -13.53
N TRP D 86 -18.57 7.25 -12.33
CA TRP D 86 -17.18 7.62 -12.09
C TRP D 86 -16.23 6.42 -12.30
N GLY D 87 -15.02 6.69 -12.78
CA GLY D 87 -13.94 5.69 -12.93
C GLY D 87 -13.05 5.63 -11.70
N SER D 88 -11.86 5.05 -11.84
CA SER D 88 -10.91 4.96 -10.71
C SER D 88 -10.25 6.30 -10.44
N GLU D 89 -10.18 6.70 -9.17
CA GLU D 89 -9.66 8.01 -8.80
C GLU D 89 -8.14 8.07 -8.95
N GLU D 90 -7.64 9.27 -9.27
CA GLU D 90 -6.21 9.54 -9.29
C GLU D 90 -5.99 10.71 -8.32
N LYS D 91 -5.13 10.50 -7.31
CA LYS D 91 -4.90 11.50 -6.25
C LYS D 91 -3.45 11.94 -6.06
N LYS D 92 -2.48 11.22 -6.64
CA LYS D 92 -1.05 11.59 -6.54
C LYS D 92 -0.81 13.05 -6.90
N ILE D 93 -0.16 13.76 -5.98
CA ILE D 93 0.27 15.15 -6.15
C ILE D 93 1.62 15.35 -5.45
N THR D 94 2.43 16.28 -5.95
CA THR D 94 3.68 16.68 -5.28
C THR D 94 3.50 17.94 -4.44
N HIS D 95 2.33 18.56 -4.51
CA HIS D 95 1.98 19.69 -3.67
C HIS D 95 0.49 19.98 -3.78
N ASN D 96 -0.06 20.63 -2.76
CA ASN D 96 -1.46 21.03 -2.73
C ASN D 96 -1.53 22.57 -2.76
N PRO D 97 -1.87 23.14 -3.93
CA PRO D 97 -2.00 24.59 -4.06
C PRO D 97 -3.35 25.16 -3.62
N PHE D 98 -4.32 24.32 -3.24
CA PHE D 98 -5.68 24.77 -3.00
C PHE D 98 -6.06 24.87 -1.53
N GLY D 99 -5.11 25.25 -0.68
CA GLY D 99 -5.36 25.39 0.75
C GLY D 99 -6.41 26.46 1.03
N PRO D 100 -7.23 26.28 2.08
CA PRO D 100 -8.20 27.34 2.44
C PRO D 100 -7.53 28.70 2.58
N GLY D 101 -8.12 29.73 1.97
CA GLY D 101 -7.59 31.08 2.04
C GLY D 101 -6.45 31.41 1.09
N GLN D 102 -6.14 30.49 0.15
CA GLN D 102 -5.01 30.68 -0.75
C GLN D 102 -5.49 31.13 -2.13
N PHE D 103 -4.65 31.91 -2.79
CA PHE D 103 -4.85 32.29 -4.19
C PHE D 103 -4.08 31.27 -5.02
N PHE D 104 -4.61 30.92 -6.18
CA PHE D 104 -3.94 29.94 -7.05
C PHE D 104 -3.97 30.36 -8.52
N ASP D 105 -2.92 29.99 -9.25
CA ASP D 105 -2.75 30.30 -10.66
C ASP D 105 -2.60 28.98 -11.43
N LEU D 106 -3.70 28.46 -11.95
CA LEU D 106 -3.70 27.11 -12.53
C LEU D 106 -3.59 27.16 -14.04
N SER D 107 -2.92 26.17 -14.64
CA SER D 107 -2.87 26.04 -16.10
C SER D 107 -3.15 24.60 -16.50
N ILE D 108 -4.00 24.42 -17.51
CA ILE D 108 -4.36 23.10 -18.05
C ILE D 108 -4.04 23.08 -19.55
N ARG D 109 -3.05 22.27 -19.93
CA ARG D 109 -2.70 22.06 -21.35
C ARG D 109 -3.31 20.75 -21.79
N CYS D 110 -4.17 20.80 -22.80
CA CYS D 110 -4.67 19.59 -23.44
C CYS D 110 -3.60 19.13 -24.42
N GLY D 111 -3.11 17.91 -24.25
CA GLY D 111 -2.14 17.30 -25.15
C GLY D 111 -2.81 16.26 -26.01
N LEU D 112 -2.03 15.43 -26.68
CA LEU D 112 -2.58 14.33 -27.48
C LEU D 112 -3.04 13.15 -26.61
N ASP D 113 -2.12 12.64 -25.79
CA ASP D 113 -2.38 11.49 -24.90
C ASP D 113 -2.83 11.88 -23.48
N ARG D 114 -2.55 13.11 -23.06
CA ARG D 114 -2.72 13.50 -21.64
C ARG D 114 -3.11 14.96 -21.46
N PHE D 115 -3.76 15.24 -20.32
CA PHE D 115 -3.83 16.62 -19.78
C PHE D 115 -2.58 16.85 -18.92
N LYS D 116 -1.96 18.01 -19.07
CA LYS D 116 -0.87 18.46 -18.19
C LYS D 116 -1.42 19.60 -17.34
N VAL D 117 -1.31 19.51 -16.02
CA VAL D 117 -1.86 20.54 -15.12
C VAL D 117 -0.75 21.09 -14.23
N TYR D 118 -0.61 22.42 -14.24
CA TYR D 118 0.37 23.11 -13.41
C TYR D 118 -0.36 24.09 -12.54
N ALA D 119 0.28 24.43 -11.42
CA ALA D 119 -0.25 25.41 -10.48
C ALA D 119 0.93 26.25 -10.04
N ASN D 120 0.80 27.56 -10.23
CA ASN D 120 1.88 28.50 -9.95
C ASN D 120 3.16 28.10 -10.71
N GLY D 121 2.97 27.70 -11.96
CA GLY D 121 4.06 27.25 -12.83
C GLY D 121 4.84 26.03 -12.41
N GLN D 122 4.20 25.17 -11.63
CA GLN D 122 4.83 23.97 -11.06
C GLN D 122 3.91 22.81 -11.34
N HIS D 123 4.44 21.73 -11.91
CA HIS D 123 3.65 20.56 -12.30
C HIS D 123 2.85 20.02 -11.11
N LEU D 124 1.57 19.79 -11.34
CA LEU D 124 0.67 19.24 -10.31
C LEU D 124 0.36 17.77 -10.65
N PHE D 125 -0.18 17.53 -11.85
CA PHE D 125 -0.41 16.17 -12.32
C PHE D 125 -0.58 16.06 -13.83
N ASP D 126 -0.31 14.87 -14.34
CA ASP D 126 -0.74 14.44 -15.66
C ASP D 126 -1.96 13.56 -15.47
N PHE D 127 -2.87 13.57 -16.45
CA PHE D 127 -4.08 12.77 -16.43
C PHE D 127 -4.37 12.26 -17.84
N ALA D 128 -4.05 11.00 -18.08
CA ALA D 128 -4.24 10.38 -19.40
C ALA D 128 -5.70 10.42 -19.80
N HIS D 129 -5.96 10.63 -21.09
CA HIS D 129 -7.33 10.66 -21.61
C HIS D 129 -8.00 9.30 -21.44
N ARG D 130 -9.20 9.32 -20.85
CA ARG D 130 -10.08 8.17 -20.81
C ARG D 130 -11.08 8.32 -21.95
N LEU D 131 -11.80 9.44 -21.94
CA LEU D 131 -12.55 9.89 -23.12
C LEU D 131 -11.51 10.20 -24.21
N SER D 132 -11.39 9.29 -25.18
CA SER D 132 -10.31 9.35 -26.18
C SER D 132 -10.50 10.47 -27.20
N ALA D 133 -11.73 10.66 -27.67
CA ALA D 133 -12.07 11.74 -28.60
C ALA D 133 -12.26 13.06 -27.83
N PHE D 134 -11.13 13.65 -27.45
CA PHE D 134 -11.12 14.89 -26.63
C PHE D 134 -11.62 16.14 -27.38
N GLN D 135 -11.63 16.11 -28.71
CA GLN D 135 -12.21 17.18 -29.53
C GLN D 135 -13.72 17.39 -29.27
N ARG D 136 -14.40 16.36 -28.76
CA ARG D 136 -15.83 16.44 -28.41
C ARG D 136 -16.13 17.35 -27.20
N VAL D 137 -15.14 17.59 -26.33
CA VAL D 137 -15.34 18.45 -25.16
C VAL D 137 -15.48 19.91 -25.59
N ASP D 138 -16.55 20.55 -25.13
CA ASP D 138 -16.93 21.90 -25.56
C ASP D 138 -17.43 22.84 -24.41
N THR D 139 -17.22 22.44 -23.16
CA THR D 139 -17.67 23.21 -22.00
C THR D 139 -16.59 23.17 -20.90
N LEU D 140 -16.44 24.28 -20.18
CA LEU D 140 -15.58 24.36 -19.00
C LEU D 140 -16.43 24.80 -17.80
N GLU D 141 -16.85 23.82 -17.01
CA GLU D 141 -17.76 24.03 -15.88
C GLU D 141 -16.97 24.10 -14.55
N ILE D 142 -17.12 25.21 -13.83
CA ILE D 142 -16.46 25.42 -12.54
C ILE D 142 -17.50 25.69 -11.45
N GLN D 143 -17.44 24.89 -10.39
CA GLN D 143 -18.44 24.82 -9.35
C GLN D 143 -17.81 24.94 -7.98
N GLY D 144 -18.62 25.29 -6.99
CA GLY D 144 -18.29 25.06 -5.58
C GLY D 144 -17.61 26.22 -4.90
N ASP D 145 -16.83 25.91 -3.87
CA ASP D 145 -16.32 26.92 -2.95
C ASP D 145 -15.03 27.57 -3.46
N VAL D 146 -15.17 28.38 -4.51
CA VAL D 146 -14.05 29.07 -5.15
C VAL D 146 -14.48 30.44 -5.69
N THR D 147 -13.53 31.38 -5.72
CA THR D 147 -13.70 32.70 -6.36
C THR D 147 -12.73 32.78 -7.53
N LEU D 148 -13.24 33.07 -8.74
CA LEU D 148 -12.40 33.15 -9.94
C LEU D 148 -12.03 34.59 -10.24
N SER D 149 -10.73 34.88 -10.32
CA SER D 149 -10.24 36.20 -10.73
C SER D 149 -10.21 36.35 -12.25
N TYR D 150 -9.94 35.27 -12.98
CA TYR D 150 -9.54 35.38 -14.38
C TYR D 150 -9.60 33.98 -15.01
N VAL D 151 -10.34 33.83 -16.10
CA VAL D 151 -10.35 32.58 -16.88
C VAL D 151 -10.13 32.90 -18.36
N GLN D 152 -9.15 32.22 -18.99
CA GLN D 152 -8.84 32.39 -20.41
C GLN D 152 -8.52 31.05 -21.08
N ILE D 153 -9.07 30.87 -22.29
CA ILE D 153 -8.86 29.67 -23.10
C ILE D 153 -7.81 30.01 -24.17
C2 BGC E . 14.61 23.23 -2.47
C3 BGC E . 14.34 23.69 -1.04
C4 BGC E . 15.55 23.47 -0.17
C5 BGC E . 16.78 24.14 -0.80
C6 BGC E . 18.07 24.03 0.00
C1 BGC E . 15.92 23.82 -2.99
O1 BGC E . 16.25 23.25 -4.26
O2 BGC E . 13.49 23.60 -3.27
O3 BGC E . 13.25 22.94 -0.52
O4 BGC E . 15.22 23.98 1.13
O5 BGC E . 16.98 23.55 -2.08
O6 BGC E . 18.39 22.65 0.32
C1 GAL E . 15.68 23.12 2.18
C2 GAL E . 15.64 23.80 3.55
C3 GAL E . 15.77 22.93 4.83
C4 GAL E . 15.01 21.61 4.61
C5 GAL E . 15.45 21.03 3.27
C6 GAL E . 14.89 19.64 2.99
O2 GAL E . 16.03 25.18 3.70
O3 GAL E . 15.33 23.61 6.01
O4 GAL E . 13.60 21.82 4.61
O5 GAL E . 14.97 21.88 2.23
O6 GAL E . 15.34 19.25 1.69
C1 FUC E . 15.38 26.26 3.16
C2 FUC E . 15.31 27.34 4.27
C3 FUC E . 16.71 28.00 4.34
C4 FUC E . 17.04 28.63 2.98
C5 FUC E . 16.83 27.63 1.82
C6 FUC E . 16.95 28.34 0.46
O2 FUC E . 14.68 27.40 5.60
O3 FUC E . 16.81 28.98 5.38
O4 FUC E . 16.23 29.77 2.78
O5 FUC E . 15.55 26.98 1.93
C2 BGC F . 7.19 -15.27 -13.56
C3 BGC F . 5.90 -16.00 -13.93
C4 BGC F . 5.62 -15.85 -15.42
C5 BGC F . 6.85 -16.24 -16.23
C6 BGC F . 6.63 -16.12 -17.75
C1 BGC F . 8.34 -15.70 -14.46
O1 BGC F . 9.52 -14.99 -14.10
O2 BGC F . 7.56 -15.55 -12.21
O3 BGC F . 4.77 -15.48 -13.21
O4 BGC F . 4.53 -16.68 -15.74
O5 BGC F . 7.97 -15.43 -15.82
O6 BGC F . 6.10 -14.84 -18.12
C1 GAL F . 3.35 -16.03 -16.25
C2 GAL F . 2.41 -17.16 -16.67
C3 GAL F . 0.98 -16.65 -16.96
C4 GAL F . 0.42 -15.58 -16.03
C5 GAL F . 1.51 -14.56 -15.68
C6 GAL F . 1.02 -13.59 -14.62
O2 GAL F . 2.93 -17.88 -17.81
O3 GAL F . 0.00 -17.43 -17.69
O4 GAL F . -0.09 -16.26 -14.87
O5 GAL F . 2.72 -15.21 -15.26
O6 GAL F . 2.05 -12.62 -14.39
C1 FUC F . 3.52 -19.07 -17.99
C2 FUC F . 2.59 -20.22 -18.37
C3 FUC F . 2.37 -20.28 -19.88
C4 FUC F . 3.70 -20.27 -20.64
C5 FUC F . 4.60 -19.15 -20.12
C6 FUC F . 5.99 -19.16 -20.77
O2 FUC F . 1.33 -20.07 -17.71
O3 FUC F . 1.61 -21.47 -20.20
O4 FUC F . 4.34 -21.55 -20.53
O5 FUC F . 4.75 -19.28 -18.70
S SO4 G . 8.73 12.00 -5.02
O1 SO4 G . 8.67 13.48 -4.85
O2 SO4 G . 10.04 11.61 -5.55
O3 SO4 G . 7.70 11.59 -5.99
O4 SO4 G . 8.45 11.33 -3.73
S SO4 H . 9.18 -2.67 7.28
O1 SO4 H . 9.80 -3.44 8.38
O2 SO4 H . 10.24 -2.00 6.48
O3 SO4 H . 8.40 -3.57 6.40
O4 SO4 H . 8.25 -1.66 7.86
S SO4 I . 24.30 -7.73 8.53
O1 SO4 I . 24.65 -9.16 8.40
O2 SO4 I . 25.50 -6.91 8.25
O3 SO4 I . 23.82 -7.49 9.90
O4 SO4 I . 23.24 -7.41 7.55
#